data_6IIQ
#
_entry.id   6IIQ
#
_cell.length_a   57.426
_cell.length_b   33.556
_cell.length_c   201.151
_cell.angle_alpha   90.00
_cell.angle_beta   90.06
_cell.angle_gamma   90.00
#
_symmetry.space_group_name_H-M   'C 1 2 1'
#
loop_
_entity.id
_entity.type
_entity.pdbx_description
1 polymer 'Hepatoma-derived growth factor-related protein 3'
2 polymer '16-bp TA-rich DNA'
3 non-polymer 'MALONIC ACID'
4 non-polymer 2-AMINO-2-HYDROXYMETHYL-PROPANE-1,3-DIOL
5 water water
#
loop_
_entity_poly.entity_id
_entity_poly.type
_entity_poly.pdbx_seq_one_letter_code
_entity_poly.pdbx_strand_id
1 'polypeptide(L)'
;SMARPRPREYKAGDLVFAKMKGYPHWPARIDELPEGAVKPPANKYPIFFFGTHETAFLGPKDLFPYKEYKDKFGKSNKRK
GFNEGLWEIENNPGVKFTGY
;
A,B,C
2 'polydeoxyribonucleotide' (DT)(DA)(DT)(DA)(DT)(DA)(DT)(DA)(DT)(DA)(DT)(DA)(DT)(DA)(DT)(DA) D,E,F,G
#
loop_
_chem_comp.id
_chem_comp.type
_chem_comp.name
_chem_comp.formula
DA DNA linking 2'-DEOXYADENOSINE-5'-MONOPHOSPHATE 'C10 H14 N5 O6 P'
DT DNA linking THYMIDINE-5'-MONOPHOSPHATE 'C10 H15 N2 O8 P'
MLA non-polymer 'MALONIC ACID' 'C3 H4 O4'
TRS non-polymer 2-AMINO-2-HYDROXYMETHYL-PROPANE-1,3-DIOL 'C4 H12 N O3 1'
#
# COMPACT_ATOMS: atom_id res chain seq x y z
N MET A 2 29.91 -42.52 -5.05
CA MET A 2 28.56 -41.98 -5.18
C MET A 2 28.15 -41.17 -3.96
N ALA A 3 27.78 -39.90 -4.17
CA ALA A 3 27.53 -38.98 -3.06
C ALA A 3 26.22 -38.21 -3.16
N ARG A 4 25.45 -38.18 -2.07
CA ARG A 4 24.18 -37.45 -2.05
C ARG A 4 24.38 -35.96 -2.16
N PRO A 5 23.83 -35.35 -3.22
CA PRO A 5 24.03 -33.90 -3.30
C PRO A 5 23.24 -33.18 -2.20
N ARG A 6 23.73 -32.03 -1.77
CA ARG A 6 22.96 -31.19 -0.86
C ARG A 6 21.87 -30.47 -1.65
N PRO A 7 20.81 -29.98 -0.98
CA PRO A 7 19.71 -29.33 -1.71
C PRO A 7 20.17 -28.13 -2.54
N ARG A 8 19.47 -27.84 -3.64
CA ARG A 8 19.75 -26.64 -4.42
C ARG A 8 18.68 -25.58 -4.16
N GLU A 9 17.69 -25.95 -3.36
CA GLU A 9 16.61 -25.02 -2.96
C GLU A 9 16.21 -25.27 -1.52
N TYR A 10 15.87 -24.20 -0.80
CA TYR A 10 15.44 -24.35 0.58
C TYR A 10 14.10 -23.68 0.78
N LYS A 11 13.46 -24.04 1.88
CA LYS A 11 12.17 -23.48 2.25
C LYS A 11 12.24 -22.85 3.64
N ALA A 12 11.47 -21.78 3.83
CA ALA A 12 11.36 -21.13 5.12
C ALA A 12 11.10 -22.16 6.17
N GLY A 13 11.87 -22.11 7.24
CA GLY A 13 11.69 -23.05 8.33
C GLY A 13 12.75 -24.12 8.36
N ASP A 14 13.43 -24.36 7.25
CA ASP A 14 14.44 -25.44 7.18
C ASP A 14 15.56 -25.15 8.17
N LEU A 15 16.02 -26.19 8.86
CA LEU A 15 17.15 -26.05 9.78
C LEU A 15 18.44 -26.54 9.12
N VAL A 16 19.50 -25.77 9.27
CA VAL A 16 20.75 -26.05 8.55
C VAL A 16 21.96 -25.76 9.41
N PHE A 17 23.13 -26.11 8.89
CA PHE A 17 24.37 -25.45 9.27
C PHE A 17 24.70 -24.50 8.14
N ALA A 18 25.08 -23.27 8.47
CA ALA A 18 25.44 -22.30 7.45
C ALA A 18 26.90 -21.91 7.60
N LYS A 19 27.60 -21.83 6.47
CA LYS A 19 29.03 -21.58 6.48
C LYS A 19 29.37 -20.18 5.98
N MET A 20 30.03 -19.40 6.83
CA MET A 20 30.55 -18.11 6.43
C MET A 20 32.05 -18.13 6.66
N LYS A 21 32.79 -17.47 5.78
CA LYS A 21 34.25 -17.47 5.88
C LYS A 21 34.69 -16.96 7.23
N GLY A 22 35.62 -17.67 7.86
CA GLY A 22 36.11 -17.29 9.17
C GLY A 22 35.34 -17.87 10.36
N TYR A 23 34.28 -18.63 10.09
CA TYR A 23 33.47 -19.21 11.14
C TYR A 23 33.29 -20.71 10.94
N PRO A 24 33.11 -21.44 12.03
CA PRO A 24 32.70 -22.85 11.88
C PRO A 24 31.33 -22.93 11.25
N HIS A 25 31.02 -24.04 10.59
CA HIS A 25 29.64 -24.30 10.15
C HIS A 25 28.71 -24.10 11.35
N TRP A 26 27.67 -23.28 11.16
CA TRP A 26 26.94 -22.70 12.28
C TRP A 26 25.46 -23.05 12.25
N PRO A 27 24.91 -23.48 13.40
CA PRO A 27 23.49 -23.83 13.51
C PRO A 27 22.62 -22.66 13.07
N ALA A 28 21.71 -22.89 12.13
CA ALA A 28 20.99 -21.78 11.51
C ALA A 28 19.64 -22.22 10.96
N ARG A 29 18.89 -21.23 10.49
CA ARG A 29 17.55 -21.50 9.95
C ARG A 29 17.34 -20.64 8.71
N ILE A 30 16.62 -21.21 7.73
CA ILE A 30 16.17 -20.47 6.56
C ILE A 30 14.94 -19.62 6.94
N ASP A 31 15.07 -18.30 6.90
CA ASP A 31 13.93 -17.45 7.25
C ASP A 31 13.04 -17.27 6.02
N GLU A 32 11.85 -16.69 6.18
CA GLU A 32 11.04 -16.55 4.98
C GLU A 32 11.45 -15.27 4.30
N LEU A 33 11.26 -15.19 2.99
CA LEU A 33 11.42 -13.90 2.31
C LEU A 33 10.03 -13.32 2.16
N PRO A 34 9.73 -12.26 2.92
CA PRO A 34 8.38 -11.69 2.86
C PRO A 34 8.03 -11.14 1.47
N GLU A 35 6.85 -11.54 1.01
CA GLU A 35 6.21 -10.95 -0.16
C GLU A 35 6.12 -9.46 0.08
N GLY A 36 6.35 -8.67 -0.95
CA GLY A 36 6.31 -7.22 -0.79
C GLY A 36 7.52 -6.71 -0.03
N ALA A 37 8.66 -7.35 -0.26
CA ALA A 37 9.93 -6.80 0.18
C ALA A 37 10.85 -6.69 -1.03
N VAL A 38 11.91 -5.91 -0.91
CA VAL A 38 12.95 -5.89 -1.93
C VAL A 38 13.39 -7.34 -2.15
N LYS A 39 13.49 -7.79 -3.40
CA LYS A 39 13.79 -9.19 -3.61
C LYS A 39 15.29 -9.42 -3.51
N PRO A 40 15.69 -10.53 -2.88
CA PRO A 40 17.11 -10.84 -2.68
C PRO A 40 17.80 -11.22 -3.98
N PRO A 41 19.14 -11.26 -3.97
CA PRO A 41 19.83 -11.85 -5.11
C PRO A 41 19.33 -13.26 -5.40
N ALA A 42 19.31 -13.65 -6.66
CA ALA A 42 18.79 -14.96 -7.03
C ALA A 42 19.54 -16.07 -6.31
N ASN A 43 18.81 -17.13 -5.96
CA ASN A 43 19.36 -18.30 -5.29
C ASN A 43 20.09 -18.00 -3.99
N LYS A 44 19.70 -16.92 -3.32
CA LYS A 44 20.21 -16.62 -1.99
C LYS A 44 19.04 -16.59 -1.01
N TYR A 45 19.27 -17.15 0.17
CA TYR A 45 18.23 -17.27 1.20
C TYR A 45 18.57 -16.47 2.44
N PRO A 46 17.55 -15.92 3.11
CA PRO A 46 17.80 -15.19 4.35
C PRO A 46 18.07 -16.21 5.45
N ILE A 47 19.17 -16.03 6.15
CA ILE A 47 19.64 -16.99 7.14
C ILE A 47 19.56 -16.37 8.53
N PHE A 48 19.12 -17.16 9.50
CA PHE A 48 19.09 -16.74 10.90
C PHE A 48 20.05 -17.64 11.64
N PHE A 49 21.06 -17.06 12.28
CA PHE A 49 22.03 -17.86 13.01
C PHE A 49 21.60 -17.99 14.47
N PHE A 50 21.44 -19.22 14.94
CA PHE A 50 21.09 -19.44 16.33
C PHE A 50 22.24 -19.02 17.22
N GLY A 51 21.93 -18.68 18.46
CA GLY A 51 22.93 -18.26 19.43
C GLY A 51 23.27 -16.79 19.35
N THR A 52 23.57 -16.31 18.15
CA THR A 52 23.95 -14.91 17.96
C THR A 52 22.76 -14.08 17.49
N HIS A 53 21.82 -14.75 16.82
CA HIS A 53 20.66 -14.12 16.17
C HIS A 53 21.07 -13.12 15.08
N GLU A 54 22.29 -13.28 14.57
CA GLU A 54 22.74 -12.55 13.40
C GLU A 54 21.99 -13.09 12.18
N THR A 55 21.93 -12.28 11.12
CA THR A 55 21.36 -12.70 9.85
C THR A 55 22.33 -12.43 8.71
N ALA A 56 22.09 -13.09 7.59
CA ALA A 56 22.87 -12.95 6.39
C ALA A 56 22.14 -13.61 5.24
N PHE A 57 22.58 -13.37 4.02
CA PHE A 57 22.03 -14.05 2.87
C PHE A 57 23.06 -15.00 2.31
N LEU A 58 22.68 -16.26 2.15
CA LEU A 58 23.59 -17.29 1.69
C LEU A 58 22.94 -18.15 0.63
N GLY A 59 23.74 -18.64 -0.32
CA GLY A 59 23.29 -19.62 -1.28
C GLY A 59 23.55 -21.05 -0.82
N PRO A 60 22.94 -22.02 -1.51
CA PRO A 60 22.90 -23.44 -1.11
C PRO A 60 24.27 -24.08 -0.97
N LYS A 61 25.29 -23.51 -1.62
CA LYS A 61 26.64 -24.07 -1.54
C LYS A 61 27.18 -23.94 -0.13
N ASP A 62 26.62 -23.01 0.64
CA ASP A 62 27.10 -22.76 1.99
C ASP A 62 26.10 -23.29 3.04
N LEU A 63 25.12 -24.08 2.59
CA LEU A 63 24.05 -24.54 3.47
C LEU A 63 24.00 -26.07 3.56
N PHE A 64 23.83 -26.54 4.79
CA PHE A 64 23.94 -27.96 5.11
C PHE A 64 22.79 -28.43 5.97
N PRO A 65 21.94 -29.32 5.43
CA PRO A 65 20.79 -29.86 6.18
C PRO A 65 21.22 -30.35 7.57
N TYR A 66 20.51 -29.88 8.61
CA TYR A 66 20.96 -30.02 9.99
C TYR A 66 21.08 -31.47 10.46
N LYS A 67 20.04 -32.26 10.30
CA LYS A 67 20.10 -33.60 10.87
C LYS A 67 21.09 -34.46 10.10
N GLU A 68 21.17 -34.23 8.79
CA GLU A 68 22.12 -34.94 7.94
C GLU A 68 23.56 -34.64 8.33
N TYR A 69 23.84 -33.38 8.66
CA TYR A 69 25.21 -32.95 8.95
C TYR A 69 25.47 -32.67 10.43
N LYS A 70 24.52 -33.01 11.29
CA LYS A 70 24.63 -32.76 12.72
C LYS A 70 25.82 -33.45 13.38
N ASP A 71 26.09 -34.68 12.99
CA ASP A 71 27.14 -35.41 13.67
C ASP A 71 28.50 -34.95 13.18
N LYS A 72 28.53 -34.23 12.05
CA LYS A 72 29.78 -33.69 11.56
C LYS A 72 30.07 -32.29 12.13
N PHE A 73 29.03 -31.47 12.24
CA PHE A 73 29.23 -30.05 12.57
C PHE A 73 28.68 -29.66 13.93
N GLY A 74 28.01 -30.60 14.59
CA GLY A 74 27.32 -30.29 15.83
C GLY A 74 28.16 -30.40 17.09
N LYS A 75 29.48 -30.32 16.93
CA LYS A 75 30.37 -30.44 18.08
C LYS A 75 30.51 -29.08 18.78
N SER A 76 30.79 -29.12 20.09
CA SER A 76 30.97 -27.89 20.86
C SER A 76 32.13 -27.06 20.32
N ASN A 77 32.03 -25.75 20.49
CA ASN A 77 32.96 -24.80 19.91
C ASN A 77 32.94 -23.56 20.79
N LYS A 78 34.10 -22.95 21.03
CA LYS A 78 34.14 -21.83 21.95
C LYS A 78 33.75 -20.47 21.34
N ARG A 79 33.55 -20.44 20.02
CA ARG A 79 33.15 -19.19 19.36
C ARG A 79 31.91 -18.65 20.03
N LYS A 80 31.90 -17.34 20.29
CA LYS A 80 30.85 -16.72 21.07
C LYS A 80 29.49 -16.99 20.44
N GLY A 81 28.58 -17.51 21.26
CA GLY A 81 27.24 -17.80 20.79
C GLY A 81 27.07 -19.21 20.22
N PHE A 82 28.16 -19.89 19.88
CA PHE A 82 28.00 -21.18 19.22
C PHE A 82 27.26 -22.23 20.03
N ASN A 83 27.69 -22.46 21.28
CA ASN A 83 27.06 -23.48 22.10
C ASN A 83 25.62 -23.11 22.46
N GLU A 84 25.34 -21.81 22.54
CA GLU A 84 23.96 -21.36 22.72
C GLU A 84 23.16 -21.65 21.46
N GLY A 85 23.80 -21.52 20.30
CA GLY A 85 23.14 -21.84 19.05
C GLY A 85 22.79 -23.32 18.98
N LEU A 86 23.70 -24.18 19.43
CA LEU A 86 23.42 -25.61 19.42
C LEU A 86 22.20 -25.88 20.31
N TRP A 87 22.12 -25.17 21.44
CA TRP A 87 20.98 -25.35 22.35
C TRP A 87 19.69 -24.95 21.67
N GLU A 88 19.71 -23.78 21.01
CA GLU A 88 18.51 -23.25 20.38
C GLU A 88 18.00 -24.08 19.21
N ILE A 89 18.90 -24.61 18.37
CA ILE A 89 18.46 -25.33 17.17
C ILE A 89 17.76 -26.62 17.60
N GLU A 90 18.16 -27.16 18.75
CA GLU A 90 17.49 -28.33 19.31
C GLU A 90 16.20 -27.96 20.07
N ASN A 91 16.27 -26.89 20.86
CA ASN A 91 15.26 -26.63 21.88
C ASN A 91 14.31 -25.47 21.59
N ASN A 92 14.76 -24.52 20.79
CA ASN A 92 13.89 -23.40 20.45
C ASN A 92 14.13 -22.93 19.02
N PRO A 93 13.99 -23.84 18.03
CA PRO A 93 14.36 -23.56 16.64
C PRO A 93 13.46 -22.52 15.99
N GLY A 94 12.32 -22.26 16.62
CA GLY A 94 11.41 -21.27 16.09
C GLY A 94 11.59 -19.87 16.63
N VAL A 95 12.65 -19.62 17.40
CA VAL A 95 12.83 -18.30 18.00
C VAL A 95 12.90 -17.21 16.93
N LYS A 96 12.07 -16.17 17.08
CA LYS A 96 12.00 -15.05 16.13
C LYS A 96 11.65 -15.42 14.68
N PHE A 97 11.14 -16.64 14.49
CA PHE A 97 10.70 -17.10 13.18
C PHE A 97 9.33 -16.49 12.85
N THR A 98 9.17 -15.95 11.65
CA THR A 98 7.90 -15.30 11.30
C THR A 98 7.24 -15.96 10.10
N GLY A 99 7.89 -16.98 9.55
CA GLY A 99 7.42 -17.64 8.34
C GLY A 99 6.10 -18.35 8.54
N TYR A 100 5.90 -18.88 9.73
CA TYR A 100 4.66 -19.54 10.11
C TYR A 100 4.67 -19.84 11.60
N ALA B 3 -10.11 -4.42 11.38
CA ALA B 3 -10.05 -5.85 11.67
C ALA B 3 -8.59 -6.36 11.62
N ARG B 4 -8.06 -6.65 10.44
CA ARG B 4 -6.69 -7.14 10.36
C ARG B 4 -5.70 -6.07 10.80
N PRO B 5 -4.95 -6.34 11.86
CA PRO B 5 -4.06 -5.28 12.35
C PRO B 5 -2.83 -5.13 11.45
N ARG B 6 -2.19 -3.97 11.51
CA ARG B 6 -0.95 -3.76 10.77
C ARG B 6 0.20 -4.32 11.60
N PRO B 7 1.34 -4.63 10.96
CA PRO B 7 2.47 -5.21 11.70
C PRO B 7 2.94 -4.33 12.86
N ARG B 8 3.45 -4.92 13.93
CA ARG B 8 4.12 -4.11 14.95
C ARG B 8 5.65 -4.23 14.85
N GLU B 9 6.10 -5.04 13.89
CA GLU B 9 7.53 -5.20 13.61
C GLU B 9 7.75 -5.24 12.13
N TYR B 10 8.88 -4.68 11.68
CA TYR B 10 9.24 -4.69 10.28
C TYR B 10 10.65 -5.21 10.12
N LYS B 11 10.98 -5.67 8.91
CA LYS B 11 12.32 -6.14 8.57
C LYS B 11 12.86 -5.30 7.41
N ALA B 12 14.16 -5.00 7.46
CA ALA B 12 14.84 -4.33 6.35
C ALA B 12 14.39 -4.90 5.03
N GLY B 13 14.08 -4.03 4.07
CA GLY B 13 13.63 -4.48 2.77
C GLY B 13 12.13 -4.37 2.57
N ASP B 14 11.37 -4.28 3.67
CA ASP B 14 9.91 -4.26 3.59
C ASP B 14 9.45 -3.01 2.86
N LEU B 15 8.45 -3.17 2.00
CA LEU B 15 7.88 -2.05 1.25
C LEU B 15 6.59 -1.57 1.93
N VAL B 16 6.47 -0.26 2.10
CA VAL B 16 5.36 0.29 2.88
C VAL B 16 4.87 1.59 2.29
N PHE B 17 3.74 2.07 2.80
CA PHE B 17 3.49 3.51 2.77
C PHE B 17 3.86 4.05 4.13
N ALA B 18 4.49 5.21 4.16
CA ALA B 18 4.86 5.80 5.42
C ALA B 18 4.21 7.18 5.57
N LYS B 19 3.69 7.45 6.77
CA LYS B 19 2.93 8.68 7.03
C LYS B 19 3.71 9.65 7.88
N MET B 20 3.87 10.86 7.39
CA MET B 20 4.44 11.95 8.18
C MET B 20 3.47 13.09 8.13
N LYS B 21 3.37 13.85 9.22
CA LYS B 21 2.42 14.96 9.27
C LYS B 21 2.64 15.92 8.13
N GLY B 22 1.56 16.34 7.47
CA GLY B 22 1.64 17.30 6.38
C GLY B 22 1.77 16.66 5.02
N TYR B 23 2.00 15.36 5.00
CA TYR B 23 2.22 14.65 3.75
C TYR B 23 1.21 13.53 3.54
N PRO B 24 0.92 13.22 2.28
CA PRO B 24 0.16 12.00 1.97
C PRO B 24 0.94 10.77 2.38
N HIS B 25 0.24 9.67 2.63
CA HIS B 25 0.88 8.37 2.79
C HIS B 25 1.80 8.11 1.60
N TRP B 26 3.08 7.86 1.88
CA TRP B 26 4.15 7.94 0.89
C TRP B 26 4.83 6.60 0.63
N PRO B 27 5.05 6.23 -0.65
CA PRO B 27 5.76 5.01 -1.00
C PRO B 27 7.14 4.99 -0.34
N ALA B 28 7.42 3.96 0.44
CA ALA B 28 8.65 3.93 1.24
C ALA B 28 9.20 2.52 1.45
N ARG B 29 10.36 2.47 2.08
CA ARG B 29 11.05 1.20 2.33
C ARG B 29 11.65 1.22 3.72
N ILE B 30 11.57 0.07 4.41
CA ILE B 30 12.30 -0.10 5.66
C ILE B 30 13.78 -0.38 5.36
N ASP B 31 14.67 0.50 5.79
CA ASP B 31 16.11 0.31 5.58
C ASP B 31 16.69 -0.56 6.69
N GLU B 32 17.92 -1.04 6.51
CA GLU B 32 18.51 -1.86 7.56
C GLU B 32 19.10 -0.95 8.62
N LEU B 33 19.15 -1.44 9.86
CA LEU B 33 19.84 -0.73 10.92
C LEU B 33 21.13 -1.46 11.23
N PRO B 34 22.26 -0.95 10.72
CA PRO B 34 23.55 -1.60 10.97
C PRO B 34 23.88 -1.64 12.45
N GLU B 35 24.13 -2.83 13.01
CA GLU B 35 24.71 -2.88 14.35
C GLU B 35 26.10 -2.29 14.21
N GLY B 36 26.63 -1.75 15.30
CA GLY B 36 27.85 -0.97 15.23
C GLY B 36 27.52 0.46 14.88
N ALA B 37 26.24 0.80 14.93
CA ALA B 37 25.82 2.19 14.83
C ALA B 37 25.10 2.55 16.10
N VAL B 38 24.88 3.84 16.31
CA VAL B 38 24.04 4.27 17.42
C VAL B 38 22.65 3.67 17.24
N LYS B 39 22.10 3.06 18.28
CA LYS B 39 20.77 2.47 18.15
C LYS B 39 19.70 3.55 18.21
N PRO B 40 18.63 3.40 17.42
CA PRO B 40 17.52 4.35 17.41
C PRO B 40 16.60 4.13 18.60
N PRO B 41 15.60 5.02 18.81
CA PRO B 41 14.62 4.73 19.85
C PRO B 41 13.95 3.41 19.55
N ALA B 42 13.43 2.76 20.59
CA ALA B 42 12.82 1.46 20.42
C ALA B 42 11.61 1.55 19.50
N ASN B 43 11.41 0.50 18.71
CA ASN B 43 10.27 0.39 17.82
C ASN B 43 10.22 1.50 16.77
N LYS B 44 11.34 2.14 16.49
CA LYS B 44 11.43 3.07 15.37
C LYS B 44 12.34 2.48 14.30
N TYR B 45 11.96 2.67 13.05
CA TYR B 45 12.64 2.06 11.92
C TYR B 45 13.16 3.14 11.01
N PRO B 46 14.33 2.91 10.40
CA PRO B 46 14.85 3.86 9.42
C PRO B 46 14.03 3.72 8.15
N ILE B 47 13.51 4.84 7.66
CA ILE B 47 12.61 4.82 6.52
C ILE B 47 13.28 5.49 5.33
N PHE B 48 13.11 4.91 4.14
CA PHE B 48 13.60 5.53 2.88
C PHE B 48 12.37 5.88 2.04
N PHE B 49 12.17 7.16 1.74
CA PHE B 49 11.03 7.56 0.91
C PHE B 49 11.39 7.49 -0.55
N PHE B 50 10.61 6.75 -1.33
CA PHE B 50 10.87 6.71 -2.76
C PHE B 50 10.52 8.07 -3.36
N GLY B 51 11.13 8.35 -4.50
CA GLY B 51 10.89 9.60 -5.21
C GLY B 51 11.75 10.75 -4.74
N THR B 52 11.79 10.97 -3.43
CA THR B 52 12.56 12.08 -2.87
C THR B 52 13.88 11.62 -2.30
N HIS B 53 13.94 10.33 -1.98
CA HIS B 53 15.09 9.71 -1.31
C HIS B 53 15.41 10.36 0.03
N GLU B 54 14.44 11.06 0.62
CA GLU B 54 14.56 11.55 1.98
C GLU B 54 14.55 10.36 2.93
N THR B 55 14.99 10.57 4.17
CA THR B 55 14.93 9.53 5.18
C THR B 55 14.34 10.07 6.47
N ALA B 56 13.94 9.15 7.33
CA ALA B 56 13.38 9.46 8.64
C ALA B 56 13.24 8.18 9.45
N PHE B 57 12.96 8.34 10.74
CA PHE B 57 12.67 7.21 11.61
C PHE B 57 11.23 7.27 12.05
N LEU B 58 10.50 6.20 11.82
CA LEU B 58 9.09 6.10 12.13
C LEU B 58 8.74 4.80 12.82
N GLY B 59 7.76 4.84 13.72
CA GLY B 59 7.22 3.64 14.32
C GLY B 59 6.08 3.03 13.51
N PRO B 60 5.74 1.77 13.79
CA PRO B 60 4.73 1.01 13.05
C PRO B 60 3.37 1.71 12.97
N LYS B 61 3.10 2.63 13.89
CA LYS B 61 1.85 3.40 13.86
C LYS B 61 1.71 4.20 12.56
N ASP B 62 2.84 4.52 11.95
CA ASP B 62 2.84 5.40 10.77
C ASP B 62 3.19 4.63 9.50
N LEU B 63 3.27 3.31 9.62
CA LEU B 63 3.70 2.44 8.52
C LEU B 63 2.59 1.50 8.08
N PHE B 64 2.49 1.33 6.78
CA PHE B 64 1.40 0.57 6.14
C PHE B 64 1.94 -0.35 5.06
N PRO B 65 1.78 -1.68 5.22
CA PRO B 65 2.31 -2.59 4.19
C PRO B 65 1.86 -2.25 2.77
N TYR B 66 2.81 -2.15 1.85
CA TYR B 66 2.55 -1.56 0.52
C TYR B 66 1.46 -2.30 -0.26
N LYS B 67 1.58 -3.62 -0.36
CA LYS B 67 0.64 -4.41 -1.16
C LYS B 67 -0.79 -4.29 -0.62
N GLU B 68 -0.95 -4.44 0.69
CA GLU B 68 -2.27 -4.34 1.31
C GLU B 68 -2.91 -2.96 1.15
N TYR B 69 -2.10 -1.91 1.18
CA TYR B 69 -2.64 -0.56 1.20
C TYR B 69 -2.43 0.19 -0.11
N LYS B 70 -1.91 -0.51 -1.12
CA LYS B 70 -1.65 0.09 -2.43
C LYS B 70 -2.92 0.69 -3.02
N ASP B 71 -4.04 -0.03 -2.93
CA ASP B 71 -5.26 0.43 -3.57
C ASP B 71 -5.70 1.75 -2.99
N LYS B 72 -5.53 1.87 -1.68
CA LYS B 72 -5.92 3.06 -0.93
C LYS B 72 -4.97 4.24 -1.15
N PHE B 73 -3.68 3.98 -1.06
CA PHE B 73 -2.70 5.07 -1.00
C PHE B 73 -1.89 5.28 -2.28
N GLY B 74 -2.04 4.40 -3.25
CA GLY B 74 -1.19 4.41 -4.41
C GLY B 74 -1.71 5.27 -5.56
N LYS B 75 -2.60 6.19 -5.26
CA LYS B 75 -3.14 7.08 -6.29
C LYS B 75 -2.19 8.23 -6.57
N SER B 76 -2.28 8.79 -7.78
CA SER B 76 -1.41 9.88 -8.19
C SER B 76 -1.63 11.10 -7.32
N ASN B 77 -0.54 11.83 -7.07
CA ASN B 77 -0.56 12.97 -6.18
C ASN B 77 0.46 13.94 -6.73
N LYS B 78 0.17 15.23 -6.64
CA LYS B 78 1.00 16.21 -7.30
C LYS B 78 2.20 16.66 -6.40
N ARG B 79 2.24 16.19 -5.15
CA ARG B 79 3.37 16.56 -4.26
C ARG B 79 4.68 16.18 -4.91
N LYS B 80 5.71 17.02 -4.75
CA LYS B 80 6.97 16.84 -5.45
C LYS B 80 7.57 15.48 -5.09
N GLY B 81 7.91 14.69 -6.10
CA GLY B 81 8.52 13.40 -5.89
C GLY B 81 7.56 12.23 -5.73
N PHE B 82 6.27 12.49 -5.49
CA PHE B 82 5.33 11.39 -5.21
C PHE B 82 5.15 10.41 -6.36
N ASN B 83 4.84 10.93 -7.54
CA ASN B 83 4.62 10.08 -8.69
C ASN B 83 5.89 9.34 -9.08
N GLU B 84 7.04 9.98 -8.85
CA GLU B 84 8.31 9.30 -9.04
C GLU B 84 8.45 8.15 -8.02
N GLY B 85 8.01 8.42 -6.80
CA GLY B 85 8.01 7.41 -5.75
C GLY B 85 7.18 6.20 -6.12
N LEU B 86 5.99 6.42 -6.69
CA LEU B 86 5.16 5.31 -7.11
C LEU B 86 5.87 4.46 -8.15
N TRP B 87 6.61 5.13 -9.04
CA TRP B 87 7.34 4.44 -10.09
C TRP B 87 8.43 3.58 -9.49
N GLU B 88 9.20 4.17 -8.58
CA GLU B 88 10.31 3.44 -7.97
C GLU B 88 9.89 2.23 -7.10
N ILE B 89 8.81 2.35 -6.36
CA ILE B 89 8.44 1.25 -5.46
C ILE B 89 8.03 0.06 -6.31
N GLU B 90 7.56 0.33 -7.52
CA GLU B 90 7.23 -0.74 -8.46
C GLU B 90 8.44 -1.23 -9.24
N ASN B 91 9.24 -0.31 -9.75
CA ASN B 91 10.23 -0.65 -10.78
C ASN B 91 11.65 -0.71 -10.27
N ASN B 92 11.94 -0.03 -9.17
CA ASN B 92 13.30 -0.03 -8.65
C ASN B 92 13.33 0.05 -7.11
N PRO B 93 12.65 -0.90 -6.43
CA PRO B 93 12.45 -0.75 -4.98
C PRO B 93 13.71 -0.93 -4.19
N GLY B 94 14.81 -1.34 -4.84
CA GLY B 94 16.06 -1.55 -4.14
C GLY B 94 17.06 -0.42 -4.30
N VAL B 95 16.62 0.70 -4.84
CA VAL B 95 17.52 1.81 -5.09
C VAL B 95 18.16 2.28 -3.78
N LYS B 96 19.50 2.34 -3.76
CA LYS B 96 20.24 2.78 -2.56
C LYS B 96 20.02 1.88 -1.34
N PHE B 97 19.49 0.69 -1.58
CA PHE B 97 19.28 -0.25 -0.49
C PHE B 97 20.55 -1.02 -0.19
N THR B 98 20.98 -1.00 1.07
CA THR B 98 22.24 -1.64 1.46
C THR B 98 22.05 -2.84 2.41
N GLY B 99 20.81 -3.28 2.59
CA GLY B 99 20.51 -4.31 3.57
C GLY B 99 20.83 -5.71 3.10
N TYR B 100 20.74 -5.90 1.78
CA TYR B 100 21.05 -7.15 1.10
C TYR B 100 20.88 -6.90 -0.38
N ALA C 3 -29.47 9.81 7.31
CA ALA C 3 -29.76 11.06 7.99
C ALA C 3 -30.85 11.86 7.27
N ARG C 4 -30.54 13.07 6.83
CA ARG C 4 -31.57 13.89 6.21
C ARG C 4 -31.94 13.30 4.86
N PRO C 5 -33.24 13.06 4.63
CA PRO C 5 -33.61 12.53 3.31
C PRO C 5 -33.43 13.56 2.20
N ARG C 6 -33.20 13.09 0.98
CA ARG C 6 -33.23 13.99 -0.19
C ARG C 6 -34.68 14.25 -0.58
N PRO C 7 -34.95 15.39 -1.25
CA PRO C 7 -36.32 15.76 -1.63
C PRO C 7 -37.04 14.66 -2.41
N ARG C 8 -38.36 14.58 -2.29
CA ARG C 8 -39.15 13.66 -3.09
C ARG C 8 -39.82 14.39 -4.24
N GLU C 9 -39.82 15.71 -4.13
CA GLU C 9 -40.21 16.55 -5.28
C GLU C 9 -39.36 17.79 -5.41
N TYR C 10 -39.33 18.31 -6.63
CA TYR C 10 -38.49 19.43 -7.00
C TYR C 10 -39.32 20.49 -7.69
N LYS C 11 -38.77 21.69 -7.76
CA LYS C 11 -39.38 22.84 -8.41
C LYS C 11 -38.49 23.32 -9.55
N ALA C 12 -39.09 23.81 -10.62
CA ALA C 12 -38.34 24.36 -11.73
C ALA C 12 -37.38 25.42 -11.20
N GLY C 13 -36.12 25.37 -11.62
CA GLY C 13 -35.13 26.32 -11.17
C GLY C 13 -34.18 25.74 -10.15
N ASP C 14 -34.54 24.60 -9.57
CA ASP C 14 -33.71 24.00 -8.51
C ASP C 14 -32.40 23.54 -9.12
N LEU C 15 -31.31 23.74 -8.37
CA LEU C 15 -30.01 23.30 -8.82
C LEU C 15 -29.64 22.00 -8.11
N VAL C 16 -29.12 21.03 -8.86
CA VAL C 16 -28.90 19.69 -8.32
C VAL C 16 -27.63 19.09 -8.93
N PHE C 17 -27.23 17.94 -8.42
CA PHE C 17 -26.42 17.01 -9.19
C PHE C 17 -27.35 15.90 -9.64
N ALA C 18 -27.22 15.48 -10.89
CA ALA C 18 -28.08 14.42 -11.40
C ALA C 18 -27.24 13.26 -11.85
N LYS C 19 -27.69 12.06 -11.47
CA LYS C 19 -26.93 10.84 -11.72
C LYS C 19 -27.54 10.05 -12.83
N MET C 20 -26.73 9.77 -13.85
CA MET C 20 -27.13 8.88 -14.94
C MET C 20 -26.10 7.78 -14.98
N LYS C 21 -26.53 6.57 -15.32
CA LYS C 21 -25.62 5.44 -15.39
C LYS C 21 -24.49 5.67 -16.38
N GLY C 22 -23.25 5.42 -15.95
CA GLY C 22 -22.08 5.65 -16.76
C GLY C 22 -21.40 6.99 -16.49
N TYR C 23 -22.08 7.89 -15.78
CA TYR C 23 -21.57 9.24 -15.57
C TYR C 23 -21.37 9.59 -14.11
N PRO C 24 -20.42 10.50 -13.83
CA PRO C 24 -20.33 11.03 -12.47
C PRO C 24 -21.58 11.82 -12.14
N HIS C 25 -21.93 12.01 -10.86
CA HIS C 25 -22.97 12.93 -10.47
C HIS C 25 -22.67 14.28 -11.09
N TRP C 26 -23.68 14.87 -11.74
CA TRP C 26 -23.39 15.90 -12.74
C TRP C 26 -24.16 17.20 -12.44
N PRO C 27 -23.47 18.35 -12.43
CA PRO C 27 -24.13 19.62 -12.13
C PRO C 27 -25.30 19.84 -13.08
N ALA C 28 -26.49 20.09 -12.54
CA ALA C 28 -27.68 20.17 -13.39
C ALA C 28 -28.77 21.04 -12.80
N ARG C 29 -29.85 21.17 -13.56
CA ARG C 29 -30.97 22.02 -13.12
C ARG C 29 -32.31 21.35 -13.42
N ILE C 30 -33.30 21.57 -12.55
CA ILE C 30 -34.68 21.19 -12.82
C ILE C 30 -35.33 22.20 -13.78
N ASP C 31 -35.69 21.76 -14.99
CA ASP C 31 -36.34 22.67 -15.94
C ASP C 31 -37.84 22.74 -15.68
N GLU C 32 -38.51 23.69 -16.32
CA GLU C 32 -39.95 23.83 -16.13
C GLU C 32 -40.64 22.73 -16.88
N LEU C 33 -41.81 22.35 -16.41
CA LEU C 33 -42.65 21.43 -17.17
C LEU C 33 -43.79 22.22 -17.78
N PRO C 34 -43.69 22.54 -19.07
CA PRO C 34 -44.73 23.33 -19.74
C PRO C 34 -46.09 22.63 -19.67
N GLU C 35 -47.10 23.30 -19.15
CA GLU C 35 -48.46 22.81 -19.32
C GLU C 35 -48.83 23.09 -20.77
N GLY C 36 -49.55 22.15 -21.37
CA GLY C 36 -49.77 22.22 -22.81
C GLY C 36 -48.73 21.37 -23.52
N ALA C 37 -47.94 20.65 -22.74
CA ALA C 37 -47.05 19.65 -23.30
C ALA C 37 -47.54 18.25 -22.93
N VAL C 38 -47.09 17.27 -23.70
CA VAL C 38 -47.27 15.86 -23.35
C VAL C 38 -46.74 15.66 -21.92
N LYS C 39 -47.50 14.98 -21.07
CA LYS C 39 -47.04 14.79 -19.70
C LYS C 39 -45.99 13.69 -19.63
N PRO C 40 -44.99 13.86 -18.77
CA PRO C 40 -44.01 12.78 -18.52
C PRO C 40 -44.58 11.76 -17.56
N PRO C 41 -43.90 10.60 -17.42
CA PRO C 41 -44.28 9.67 -16.36
C PRO C 41 -44.21 10.35 -15.00
N ALA C 42 -44.98 9.85 -14.05
CA ALA C 42 -45.09 10.48 -12.75
C ALA C 42 -43.75 10.53 -12.05
N ASN C 43 -43.54 11.60 -11.28
CA ASN C 43 -42.37 11.76 -10.43
C ASN C 43 -41.07 11.72 -11.20
N LYS C 44 -41.12 12.18 -12.44
CA LYS C 44 -39.94 12.38 -13.24
C LYS C 44 -39.89 13.86 -13.63
N TYR C 45 -38.69 14.42 -13.61
CA TYR C 45 -38.48 15.85 -13.85
C TYR C 45 -37.60 16.07 -15.08
N PRO C 46 -37.86 17.16 -15.81
CA PRO C 46 -36.97 17.47 -16.93
C PRO C 46 -35.69 18.04 -16.37
N ILE C 47 -34.57 17.44 -16.76
CA ILE C 47 -33.26 17.83 -16.26
C ILE C 47 -32.45 18.53 -17.35
N PHE C 48 -31.80 19.63 -16.99
CA PHE C 48 -30.86 20.31 -17.88
C PHE C 48 -29.46 20.09 -17.34
N PHE C 49 -28.54 19.53 -18.14
CA PHE C 49 -27.18 19.28 -17.63
C PHE C 49 -26.28 20.45 -17.97
N PHE C 50 -25.67 21.04 -16.96
CA PHE C 50 -24.73 22.13 -17.24
C PHE C 50 -23.51 21.61 -17.97
N GLY C 51 -22.85 22.48 -18.74
CA GLY C 51 -21.67 22.07 -19.48
C GLY C 51 -21.98 21.46 -20.83
N THR C 52 -22.84 20.45 -20.86
CA THR C 52 -23.14 19.76 -22.11
C THR C 52 -24.44 20.25 -22.72
N HIS C 53 -25.28 20.81 -21.86
CA HIS C 53 -26.63 21.28 -22.21
C HIS C 53 -27.52 20.17 -22.72
N GLU C 54 -27.15 18.92 -22.40
CA GLU C 54 -28.00 17.78 -22.67
C GLU C 54 -29.22 17.78 -21.76
N THR C 55 -30.23 17.01 -22.10
CA THR C 55 -31.43 16.92 -21.29
C THR C 55 -31.85 15.46 -21.08
N ALA C 56 -32.63 15.24 -20.03
CA ALA C 56 -33.16 13.92 -19.71
C ALA C 56 -34.27 14.07 -18.68
N PHE C 57 -35.03 13.01 -18.50
CA PHE C 57 -36.03 13.00 -17.43
C PHE C 57 -35.56 12.05 -16.35
N LEU C 58 -35.47 12.55 -15.13
CA LEU C 58 -35.01 11.77 -14.00
C LEU C 58 -35.93 11.93 -12.83
N GLY C 59 -35.99 10.91 -11.98
CA GLY C 59 -36.73 10.97 -10.73
C GLY C 59 -35.83 11.31 -9.56
N PRO C 60 -36.44 11.61 -8.41
CA PRO C 60 -35.73 12.12 -7.24
C PRO C 60 -34.66 11.17 -6.70
N LYS C 61 -34.74 9.89 -7.07
CA LYS C 61 -33.73 8.91 -6.63
C LYS C 61 -32.37 9.29 -7.17
N ASP C 62 -32.36 9.97 -8.31
CA ASP C 62 -31.12 10.27 -9.01
C ASP C 62 -30.73 11.74 -8.92
N LEU C 63 -31.42 12.49 -8.07
CA LEU C 63 -31.19 13.94 -7.95
C LEU C 63 -30.70 14.31 -6.57
N PHE C 64 -29.75 15.23 -6.53
CA PHE C 64 -29.05 15.64 -5.31
C PHE C 64 -28.98 17.15 -5.20
N PRO C 65 -29.59 17.73 -4.13
CA PRO C 65 -29.54 19.19 -3.96
C PRO C 65 -28.12 19.73 -4.02
N TYR C 66 -27.89 20.72 -4.89
CA TYR C 66 -26.54 21.15 -5.24
C TYR C 66 -25.72 21.63 -4.05
N LYS C 67 -26.30 22.53 -3.27
CA LYS C 67 -25.57 23.14 -2.15
C LYS C 67 -25.21 22.07 -1.12
N GLU C 68 -26.19 21.22 -0.81
CA GLU C 68 -26.03 20.14 0.17
C GLU C 68 -24.97 19.12 -0.25
N TYR C 69 -24.85 18.86 -1.55
CA TYR C 69 -23.97 17.79 -2.02
C TYR C 69 -22.75 18.30 -2.80
N LYS C 70 -22.58 19.61 -2.84
CA LYS C 70 -21.49 20.22 -3.61
C LYS C 70 -20.12 19.69 -3.24
N ASP C 71 -19.86 19.49 -1.96
CA ASP C 71 -18.51 19.17 -1.60
C ASP C 71 -18.22 17.70 -1.81
N LYS C 72 -19.27 16.88 -1.86
CA LYS C 72 -19.11 15.49 -2.24
C LYS C 72 -18.89 15.35 -3.76
N PHE C 73 -19.70 16.07 -4.54
CA PHE C 73 -19.75 15.83 -5.99
C PHE C 73 -19.13 16.93 -6.86
N GLY C 74 -18.78 18.07 -6.27
CA GLY C 74 -18.35 19.21 -7.05
C GLY C 74 -16.85 19.20 -7.34
N LYS C 75 -16.28 18.01 -7.44
CA LYS C 75 -14.85 17.86 -7.70
C LYS C 75 -14.56 17.87 -9.20
N SER C 76 -13.38 18.33 -9.59
CA SER C 76 -13.00 18.35 -11.01
C SER C 76 -13.06 16.95 -11.59
N ASN C 77 -13.48 16.84 -12.84
CA ASN C 77 -13.60 15.54 -13.54
C ASN C 77 -13.26 15.76 -15.01
N LYS C 78 -12.58 14.80 -15.62
CA LYS C 78 -12.15 14.99 -17.01
C LYS C 78 -13.24 14.71 -18.05
N ARG C 79 -14.38 14.19 -17.63
CA ARG C 79 -15.47 13.91 -18.59
C ARG C 79 -15.81 15.17 -19.36
N LYS C 80 -16.07 15.02 -20.66
CA LYS C 80 -16.27 16.17 -21.52
C LYS C 80 -17.47 16.98 -21.06
N GLY C 81 -17.25 18.27 -20.84
CA GLY C 81 -18.30 19.16 -20.41
C GLY C 81 -18.42 19.32 -18.92
N PHE C 82 -17.81 18.41 -18.14
CA PHE C 82 -18.01 18.45 -16.69
C PHE C 82 -17.52 19.73 -16.00
N ASN C 83 -16.28 20.10 -16.28
CA ASN C 83 -15.70 21.25 -15.61
C ASN C 83 -16.35 22.54 -16.08
N GLU C 84 -16.85 22.52 -17.31
CA GLU C 84 -17.63 23.66 -17.79
C GLU C 84 -18.95 23.72 -17.06
N GLY C 85 -19.52 22.56 -16.77
CA GLY C 85 -20.75 22.48 -15.99
C GLY C 85 -20.57 23.03 -14.59
N LEU C 86 -19.44 22.71 -13.97
CA LEU C 86 -19.15 23.25 -12.65
C LEU C 86 -19.13 24.79 -12.70
N TRP C 87 -18.55 25.31 -13.78
CA TRP C 87 -18.47 26.76 -13.97
C TRP C 87 -19.87 27.35 -14.08
N GLU C 88 -20.67 26.78 -14.97
CA GLU C 88 -22.03 27.29 -15.22
C GLU C 88 -22.97 27.27 -14.03
N ILE C 89 -22.93 26.19 -13.24
CA ILE C 89 -23.90 26.08 -12.16
C ILE C 89 -23.63 27.16 -11.12
N GLU C 90 -22.38 27.59 -11.03
CA GLU C 90 -22.01 28.69 -10.16
C GLU C 90 -22.24 30.06 -10.81
N ASN C 91 -21.84 30.20 -12.08
CA ASN C 91 -21.73 31.50 -12.73
C ASN C 91 -22.85 31.85 -13.70
N ASN C 92 -23.51 30.83 -14.25
CA ASN C 92 -24.60 31.09 -15.18
C ASN C 92 -25.72 30.03 -15.10
N PRO C 93 -26.30 29.80 -13.89
CA PRO C 93 -27.27 28.73 -13.64
C PRO C 93 -28.55 28.86 -14.45
N GLY C 94 -28.87 30.07 -14.86
CA GLY C 94 -30.07 30.30 -15.63
C GLY C 94 -29.94 30.15 -17.13
N VAL C 95 -28.81 29.62 -17.59
CA VAL C 95 -28.58 29.54 -19.04
C VAL C 95 -29.65 28.66 -19.70
N LYS C 96 -30.31 29.21 -20.72
CA LYS C 96 -31.42 28.52 -21.42
C LYS C 96 -32.61 28.17 -20.51
N PHE C 97 -32.66 28.75 -19.33
CA PHE C 97 -33.76 28.47 -18.41
C PHE C 97 -34.97 29.29 -18.78
N THR C 98 -36.09 28.63 -19.07
CA THR C 98 -37.27 29.37 -19.52
C THR C 98 -38.37 29.44 -18.47
N GLY C 99 -38.14 28.79 -17.34
CA GLY C 99 -39.13 28.71 -16.28
C GLY C 99 -39.58 30.05 -15.71
N TYR C 100 -38.61 30.91 -15.45
CA TYR C 100 -38.87 32.28 -14.99
C TYR C 100 -37.60 33.09 -15.21
C1 MLA H . 27.22 -15.93 13.27
O1A MLA H . 27.06 -17.07 13.77
O1B MLA H . 26.65 -14.98 13.86
C2 MLA H . 28.05 -15.71 12.01
C3 MLA H . 28.41 -17.02 11.30
O3A MLA H . 27.93 -18.12 11.66
O3B MLA H . 29.19 -17.03 10.32
C TRS I . 24.78 -27.47 -4.28
C1 TRS I . 25.09 -26.41 -5.33
C2 TRS I . 25.82 -27.44 -3.16
C3 TRS I . 24.76 -28.86 -4.91
N TRS I . 23.46 -27.20 -3.71
O1 TRS I . 24.87 -25.13 -4.79
O2 TRS I . 27.11 -27.62 -3.71
O3 TRS I . 24.40 -29.80 -3.92
C1 MLA J . 7.25 12.31 3.50
O1A MLA J . 6.71 12.43 4.63
O1B MLA J . 6.73 11.52 2.68
C2 MLA J . 8.48 13.13 3.13
C3 MLA J . 8.99 12.76 1.75
O3A MLA J . 8.20 12.56 0.79
O3B MLA J . 10.22 12.66 1.51
C TRS K . 0.15 -0.49 15.57
C1 TRS K . 1.30 0.40 16.05
C2 TRS K . 0.65 -1.61 14.66
C3 TRS K . -0.89 0.32 14.82
N TRS K . -0.47 -1.14 16.72
O1 TRS K . 2.14 -0.32 16.94
O2 TRS K . -0.48 -2.37 14.28
O3 TRS K . -1.75 -0.56 14.14
C1 MLA L . -25.03 12.79 -17.88
O1A MLA L . -25.34 11.63 -17.57
O1B MLA L . -24.75 13.60 -16.96
C2 MLA L . -25.00 13.18 -19.35
C3 MLA L . -24.37 14.55 -19.56
O3A MLA L . -24.80 15.33 -20.46
O3B MLA L . -23.41 14.90 -18.84
C TRS M . -35.41 9.77 -2.36
C1 TRS M . -36.72 10.48 -2.50
C2 TRS M . -34.28 10.66 -2.83
C3 TRS M . -35.43 8.43 -3.10
N TRS M . -35.20 9.53 -0.93
O1 TRS M . -37.36 10.27 -1.26
O2 TRS M . -33.17 10.39 -2.01
O3 TRS M . -34.20 7.76 -2.95
#